data_5FYQ
#
_entry.id   5FYQ
#
_cell.length_a   114.948
_cell.length_b   114.948
_cell.length_c   206.476
_cell.angle_alpha   90.00
_cell.angle_beta   90.00
_cell.angle_gamma   120.00
#
_symmetry.space_group_name_H-M   'P 61 2 2'
#
loop_
_entity.id
_entity.type
_entity.pdbx_description
1 polymer 'NAD-DEPENDENT PROTEIN DEACETYLASE SIRTUIN-2'
2 polymer 'RAN AA 31-43'
3 non-polymer 'SULFATE ION'
4 non-polymer 'ZINC ION'
5 water water
#
loop_
_entity_poly.entity_id
_entity_poly.type
_entity_poly.pdbx_seq_one_letter_code
_entity_poly.pdbx_strand_id
1 'polypeptide(L)'
;GSGMMAEPDPSHPLETQAGKVQEAQDSDSDSEGGAAGGEADMDFLRNLFSQTLSLGSQKERLLDELTLEGVARYMQSERC
RRVICLVGAGISTSAGIPDFRSPSTGLYDNLEKYHLPYPEAIFEISYFKKHPEPFFALAKELYPGQFKPTICHYFMRLLK
DKGLLLRCYTQNIDTLERIAGLEQEDLVEAHGTFYTSHCVSASCRHEYPLSWMKEKIFSEVTPKCEDCQSLVKPDIVFFG
ESLPARFFSCMQSDFLKVDLLLVMGTSLQVQPFASLISKAPLSTPRLLINKEKAGQSDPFLGMIMGLGGGMDFDSKKAYR
DVAWLGECDQGCLALAELLGWKKELEDLVRREHASIDAQS
;
A,B
2 'polypeptide(L)' LTGEFE(FAK)KYVATL C,D
#
# COMPACT_ATOMS: atom_id res chain seq x y z
N GLU A 60 6.37 -6.11 19.11
CA GLU A 60 6.73 -7.51 19.47
C GLU A 60 7.42 -8.19 18.26
N ARG A 61 6.80 -9.21 17.66
CA ARG A 61 7.39 -9.91 16.55
C ARG A 61 6.32 -10.05 15.51
N LEU A 62 6.37 -9.21 14.48
CA LEU A 62 5.24 -9.04 13.57
C LEU A 62 5.15 -10.10 12.51
N LEU A 63 6.27 -10.74 12.22
CA LEU A 63 6.29 -11.83 11.27
C LEU A 63 6.01 -13.07 12.02
N ASP A 64 5.09 -13.87 11.50
CA ASP A 64 4.77 -15.17 12.09
C ASP A 64 5.79 -16.24 11.62
N GLU A 65 6.53 -15.90 10.57
CA GLU A 65 7.45 -16.80 9.90
C GLU A 65 8.50 -15.95 9.21
N LEU A 66 9.76 -16.33 9.32
CA LEU A 66 10.83 -15.62 8.62
C LEU A 66 10.96 -16.12 7.21
N THR A 67 9.99 -15.79 6.38
CA THR A 67 9.97 -16.28 5.01
C THR A 67 9.22 -15.32 4.15
N LEU A 68 9.38 -15.49 2.85
CA LEU A 68 8.54 -14.82 1.85
C LEU A 68 7.07 -15.03 2.18
N GLU A 69 6.74 -16.26 2.60
CA GLU A 69 5.39 -16.61 3.01
C GLU A 69 4.99 -15.77 4.23
N GLY A 70 5.90 -15.64 5.19
CA GLY A 70 5.65 -14.79 6.36
C GLY A 70 5.50 -13.32 6.04
N VAL A 71 6.30 -12.83 5.10
CA VAL A 71 6.30 -11.41 4.76
C VAL A 71 5.03 -11.06 4.04
N ALA A 72 4.69 -11.87 3.04
CA ALA A 72 3.46 -11.68 2.23
C ALA A 72 2.24 -11.62 3.13
N ARG A 73 2.20 -12.58 4.04
CA ARG A 73 1.15 -12.69 5.01
C ARG A 73 1.09 -11.40 5.84
N TYR A 74 2.25 -10.88 6.20
CA TYR A 74 2.31 -9.65 6.97
C TYR A 74 1.86 -8.45 6.14
N MET A 75 2.36 -8.36 4.91
CA MET A 75 1.91 -7.35 3.93
C MET A 75 0.40 -7.27 3.70
N GLN A 76 -0.29 -8.39 3.89
CA GLN A 76 -1.75 -8.44 3.75
C GLN A 76 -2.51 -8.02 4.98
N SER A 77 -1.87 -8.10 6.14
CA SER A 77 -2.47 -7.62 7.36
C SER A 77 -2.57 -6.11 7.32
N GLU A 78 -3.52 -5.60 8.10
CA GLU A 78 -3.77 -4.19 8.18
C GLU A 78 -2.64 -3.46 8.86
N ARG A 79 -1.83 -4.17 9.65
CA ARG A 79 -0.68 -3.55 10.26
C ARG A 79 0.39 -3.04 9.28
N CYS A 80 0.47 -3.60 8.07
CA CYS A 80 1.48 -3.20 7.10
C CYS A 80 0.95 -2.24 6.06
N ARG A 81 1.09 -0.94 6.28
CA ARG A 81 0.58 0.04 5.32
C ARG A 81 1.60 0.82 4.57
N ARG A 82 2.64 1.20 5.28
CA ARG A 82 3.70 2.03 4.74
C ARG A 82 4.93 1.17 4.48
N VAL A 83 5.28 1.08 3.21
CA VAL A 83 6.40 0.27 2.76
C VAL A 83 7.46 1.15 2.12
N ILE A 84 8.70 0.96 2.55
CA ILE A 84 9.82 1.64 1.90
C ILE A 84 10.65 0.64 1.11
N CYS A 85 10.92 0.99 -0.14
CA CYS A 85 11.84 0.22 -0.97
C CYS A 85 13.21 0.92 -1.01
N LEU A 86 14.26 0.16 -0.67
CA LEU A 86 15.65 0.62 -0.81
C LEU A 86 16.25 -0.22 -1.89
N VAL A 87 16.65 0.42 -2.98
CA VAL A 87 17.07 -0.33 -4.16
C VAL A 87 18.42 0.13 -4.70
N GLY A 88 19.15 -0.81 -5.30
CA GLY A 88 20.43 -0.48 -5.94
C GLY A 88 20.62 -1.03 -7.35
N ALA A 89 21.88 -1.23 -7.72
CA ALA A 89 22.20 -1.64 -9.09
C ALA A 89 21.56 -2.96 -9.47
N GLY A 90 21.22 -3.78 -8.48
CA GLY A 90 20.71 -5.11 -8.76
C GLY A 90 19.31 -5.18 -9.34
N ILE A 91 18.59 -4.06 -9.36
CA ILE A 91 17.24 -4.03 -9.93
C ILE A 91 17.23 -3.42 -11.32
N SER A 92 18.38 -3.21 -11.92
CA SER A 92 18.39 -2.68 -13.29
C SER A 92 19.29 -3.44 -14.25
N THR A 93 19.93 -4.50 -13.76
CA THR A 93 20.84 -5.22 -14.59
C THR A 93 20.08 -6.01 -15.62
N SER A 94 18.93 -6.56 -15.25
CA SER A 94 18.12 -7.28 -16.23
C SER A 94 17.57 -6.35 -17.27
N ALA A 95 17.51 -5.05 -16.96
CA ALA A 95 17.20 -4.01 -17.95
C ALA A 95 18.43 -3.59 -18.80
N GLY A 96 19.51 -4.35 -18.70
CA GLY A 96 20.73 -4.10 -19.47
C GLY A 96 21.48 -2.88 -18.95
N ILE A 97 21.60 -2.76 -17.63
CA ILE A 97 22.39 -1.69 -17.03
C ILE A 97 23.38 -2.27 -16.01
N PRO A 98 24.66 -2.39 -16.44
CA PRO A 98 25.65 -3.16 -15.69
C PRO A 98 26.00 -2.52 -14.37
N ASP A 99 26.06 -3.33 -13.32
CA ASP A 99 26.36 -2.79 -12.02
C ASP A 99 27.83 -2.42 -11.97
N PHE A 100 28.11 -1.15 -12.25
CA PHE A 100 29.50 -0.69 -12.30
C PHE A 100 30.25 -0.70 -10.96
N ARG A 101 29.54 -0.94 -9.87
CA ARG A 101 30.19 -1.01 -8.56
C ARG A 101 30.70 -2.38 -8.25
N SER A 102 30.07 -3.40 -8.81
CA SER A 102 30.51 -4.77 -8.63
C SER A 102 30.83 -5.28 -10.02
N PRO A 103 31.98 -4.85 -10.58
CA PRO A 103 32.44 -5.34 -11.87
C PRO A 103 33.17 -6.68 -11.74
N TYR A 108 36.91 -6.27 -15.68
CA TYR A 108 36.40 -6.78 -16.95
C TYR A 108 35.39 -5.81 -17.63
N ASP A 109 34.58 -5.15 -16.81
CA ASP A 109 33.60 -4.16 -17.29
C ASP A 109 34.28 -2.85 -17.71
N ASN A 110 35.40 -2.52 -17.08
CA ASN A 110 35.99 -1.21 -17.28
C ASN A 110 36.79 -1.20 -18.59
N LEU A 111 37.95 -1.86 -18.54
CA LEU A 111 38.89 -2.09 -19.65
C LEU A 111 38.99 -0.91 -20.67
N GLU A 112 39.59 0.17 -20.17
CA GLU A 112 39.82 1.45 -20.86
C GLU A 112 40.96 2.22 -20.15
N LYS A 113 42.13 2.37 -20.78
CA LYS A 113 43.22 3.16 -20.19
C LYS A 113 43.68 4.37 -21.03
N TYR A 114 43.53 5.61 -20.56
CA TYR A 114 42.76 6.04 -19.34
C TYR A 114 43.25 5.35 -18.10
N HIS A 115 44.49 5.55 -17.72
CA HIS A 115 45.05 4.72 -16.66
C HIS A 115 44.53 5.20 -15.34
N LEU A 116 43.93 4.28 -14.58
CA LEU A 116 43.17 4.64 -13.39
C LEU A 116 43.74 3.87 -12.25
N PRO A 117 43.78 4.48 -11.06
CA PRO A 117 44.29 3.69 -9.95
C PRO A 117 43.30 2.62 -9.54
N TYR A 118 42.01 2.89 -9.69
CA TYR A 118 40.97 1.85 -9.47
C TYR A 118 39.67 2.38 -10.03
N PRO A 119 38.75 1.50 -10.44
CA PRO A 119 37.46 1.99 -10.93
C PRO A 119 36.78 3.14 -10.15
N GLU A 120 36.61 3.05 -8.83
CA GLU A 120 35.80 4.08 -8.12
C GLU A 120 36.40 5.49 -8.31
N ALA A 121 37.67 5.52 -8.68
CA ALA A 121 38.33 6.78 -9.00
C ALA A 121 37.56 7.63 -10.02
N ILE A 122 37.02 7.01 -11.06
CA ILE A 122 36.33 7.78 -12.13
C ILE A 122 35.06 8.45 -11.60
N PHE A 123 34.44 7.84 -10.60
CA PHE A 123 33.29 8.44 -9.91
C PHE A 123 33.63 9.32 -8.71
N GLU A 124 34.90 9.39 -8.31
CA GLU A 124 35.33 10.25 -7.21
C GLU A 124 35.41 11.71 -7.78
N ILE A 125 34.70 12.67 -7.15
CA ILE A 125 34.50 14.05 -7.67
C ILE A 125 35.76 14.90 -7.98
N SER A 126 36.74 14.85 -7.09
CA SER A 126 38.03 15.47 -7.34
C SER A 126 38.59 14.96 -8.65
N TYR A 127 38.66 13.63 -8.79
CA TYR A 127 39.28 13.03 -9.96
C TYR A 127 38.56 13.41 -11.26
N PHE A 128 37.22 13.37 -11.21
CA PHE A 128 36.40 13.72 -12.36
C PHE A 128 36.64 15.16 -12.82
N LYS A 129 36.80 16.08 -11.88
CA LYS A 129 36.93 17.48 -12.22
C LYS A 129 38.23 17.77 -12.97
N LYS A 130 39.26 16.99 -12.67
CA LYS A 130 40.55 17.09 -13.38
C LYS A 130 40.57 16.21 -14.64
N HIS A 131 39.90 15.06 -14.56
CA HIS A 131 39.96 14.03 -15.58
C HIS A 131 38.58 13.44 -15.77
N PRO A 132 37.68 14.19 -16.43
CA PRO A 132 36.34 13.69 -16.63
C PRO A 132 36.24 12.56 -17.67
N GLU A 133 37.32 12.34 -18.41
CA GLU A 133 37.31 11.40 -19.52
C GLU A 133 37.00 9.95 -19.17
N PRO A 134 37.73 9.35 -18.22
CA PRO A 134 37.35 7.98 -17.88
C PRO A 134 35.84 7.86 -17.66
N PHE A 135 35.28 8.79 -16.88
CA PHE A 135 33.85 8.76 -16.58
C PHE A 135 33.02 8.78 -17.83
N PHE A 136 33.51 9.50 -18.82
CA PHE A 136 32.72 9.87 -19.98
C PHE A 136 32.80 8.90 -21.10
N ALA A 137 33.95 8.27 -21.26
CA ALA A 137 34.12 7.20 -22.23
C ALA A 137 33.22 6.08 -21.82
N LEU A 138 33.21 5.84 -20.52
CA LEU A 138 32.16 5.09 -19.88
C LEU A 138 30.97 6.02 -19.94
N ALA A 139 29.78 5.49 -20.15
CA ALA A 139 28.59 6.30 -20.45
C ALA A 139 28.42 6.44 -21.94
N LYS A 140 29.47 6.20 -22.71
CA LYS A 140 29.28 5.91 -24.10
C LYS A 140 29.29 4.39 -24.25
N GLU A 141 29.95 3.70 -23.33
CA GLU A 141 30.11 2.26 -23.42
C GLU A 141 28.80 1.60 -23.02
N LEU A 142 28.20 2.07 -21.94
CA LEU A 142 26.82 1.71 -21.67
C LEU A 142 25.95 2.82 -22.27
N TYR A 143 25.23 2.48 -23.35
CA TYR A 143 24.41 3.44 -24.09
C TYR A 143 23.43 4.10 -23.12
N PRO A 144 22.45 3.35 -22.57
CA PRO A 144 22.01 2.03 -23.04
C PRO A 144 20.98 2.15 -24.17
N GLY A 145 20.93 1.14 -25.03
CA GLY A 145 20.25 1.22 -26.32
C GLY A 145 18.92 1.93 -26.26
N GLN A 146 18.11 1.53 -25.29
CA GLN A 146 16.88 2.22 -24.93
C GLN A 146 16.49 1.76 -23.53
N PHE A 147 15.85 2.62 -22.76
CA PHE A 147 15.56 2.33 -21.37
C PHE A 147 14.18 1.73 -21.20
N LYS A 148 14.09 0.54 -20.60
CA LYS A 148 12.80 0.03 -20.16
C LYS A 148 12.84 -0.82 -18.87
N PRO A 149 12.00 -0.45 -17.88
CA PRO A 149 12.16 -0.96 -16.53
C PRO A 149 11.74 -2.41 -16.27
N THR A 150 12.25 -2.93 -15.17
CA THR A 150 12.16 -4.33 -14.85
C THR A 150 10.91 -4.67 -14.08
N ILE A 151 10.71 -5.97 -13.90
CA ILE A 151 9.63 -6.51 -13.11
C ILE A 151 9.69 -5.93 -11.70
N CYS A 152 10.91 -5.83 -11.17
CA CYS A 152 11.09 -5.24 -9.86
C CYS A 152 10.57 -3.82 -9.88
N HIS A 153 11.00 -3.06 -10.87
CA HIS A 153 10.47 -1.71 -11.02
C HIS A 153 8.95 -1.66 -11.04
N TYR A 154 8.34 -2.58 -11.79
CA TYR A 154 6.90 -2.55 -11.98
C TYR A 154 6.20 -3.12 -10.76
N PHE A 155 6.92 -3.94 -10.01
CA PHE A 155 6.45 -4.36 -8.69
C PHE A 155 6.26 -3.11 -7.82
N MET A 156 7.29 -2.26 -7.81
CA MET A 156 7.26 -1.02 -7.03
C MET A 156 6.12 -0.10 -7.47
N ARG A 157 5.77 -0.18 -8.75
CA ARG A 157 4.60 0.53 -9.25
C ARG A 157 3.30 0.00 -8.64
N LEU A 158 3.14 -1.31 -8.57
CA LEU A 158 1.92 -1.85 -8.02
C LEU A 158 1.83 -1.43 -6.57
N LEU A 159 2.96 -1.40 -5.88
CA LEU A 159 2.93 -0.92 -4.51
C LEU A 159 2.29 0.47 -4.47
N LYS A 160 2.82 1.37 -5.28
CA LYS A 160 2.25 2.71 -5.41
C LYS A 160 0.76 2.71 -5.68
N ASP A 161 0.37 2.00 -6.73
CA ASP A 161 -1.02 1.93 -7.14
C ASP A 161 -1.91 1.37 -6.04
N LYS A 162 -1.40 0.42 -5.26
CA LYS A 162 -2.21 -0.23 -4.25
C LYS A 162 -2.19 0.51 -2.90
N GLY A 163 -1.56 1.69 -2.88
CA GLY A 163 -1.52 2.53 -1.69
C GLY A 163 -0.60 2.01 -0.61
N LEU A 164 0.43 1.29 -1.02
CA LEU A 164 1.35 0.72 -0.05
C LEU A 164 2.72 1.38 -0.02
N LEU A 165 3.03 2.14 -1.07
CA LEU A 165 4.36 2.72 -1.24
C LEU A 165 4.49 4.06 -0.54
N LEU A 166 5.06 4.02 0.66
CA LEU A 166 5.39 5.25 1.38
C LEU A 166 6.47 6.02 0.66
N ARG A 167 7.47 5.30 0.19
CA ARG A 167 8.59 5.94 -0.50
C ARG A 167 9.51 4.92 -1.13
N CYS A 168 10.11 5.29 -2.26
CA CYS A 168 11.22 4.50 -2.83
C CYS A 168 12.55 5.25 -2.86
N TYR A 169 13.56 4.72 -2.18
CA TYR A 169 14.84 5.38 -2.11
C TYR A 169 15.78 4.64 -3.06
N THR A 170 16.27 5.32 -4.08
CA THR A 170 17.12 4.64 -5.06
C THR A 170 18.53 5.18 -5.08
N GLN A 171 19.49 4.25 -5.25
CA GLN A 171 20.89 4.57 -5.47
C GLN A 171 21.17 4.73 -6.94
N ASN A 172 20.20 4.32 -7.76
CA ASN A 172 20.35 4.24 -9.22
C ASN A 172 20.10 5.58 -9.95
N ILE A 173 20.83 5.78 -11.05
CA ILE A 173 20.77 7.03 -11.83
C ILE A 173 20.11 6.89 -13.23
N ASP A 174 19.67 5.65 -13.54
CA ASP A 174 18.95 5.34 -14.78
C ASP A 174 17.53 5.91 -14.95
N THR A 175 16.88 6.33 -13.88
CA THR A 175 15.54 6.95 -13.93
C THR A 175 14.42 6.00 -14.35
N LEU A 176 14.65 4.70 -14.16
CA LEU A 176 13.69 3.68 -14.52
C LEU A 176 12.50 3.61 -13.57
N GLU A 177 12.68 4.05 -12.33
CA GLU A 177 11.59 4.11 -11.39
C GLU A 177 10.51 5.03 -12.00
N ARG A 178 10.97 6.19 -12.43
CA ARG A 178 10.12 7.19 -13.06
C ARG A 178 9.39 6.67 -14.29
N ILE A 179 10.13 6.01 -15.18
CA ILE A 179 9.57 5.43 -16.41
C ILE A 179 8.65 4.25 -16.09
N ALA A 180 8.79 3.68 -14.91
CA ALA A 180 7.90 2.64 -14.47
C ALA A 180 6.57 3.21 -13.90
N GLY A 181 6.46 4.53 -13.80
CA GLY A 181 5.25 5.20 -13.36
C GLY A 181 5.33 5.83 -11.98
N LEU A 182 6.52 5.80 -11.38
CA LEU A 182 6.66 6.31 -10.01
C LEU A 182 6.94 7.80 -10.04
N GLU A 183 6.13 8.56 -9.32
CA GLU A 183 6.22 10.00 -9.34
C GLU A 183 7.17 10.52 -8.28
N GLN A 184 7.59 11.77 -8.44
CA GLN A 184 8.62 12.35 -7.61
C GLN A 184 8.26 12.29 -6.13
N GLU A 185 6.98 12.46 -5.82
CA GLU A 185 6.47 12.28 -4.46
C GLU A 185 6.92 10.93 -3.89
N ASP A 186 6.90 9.89 -4.72
CA ASP A 186 7.10 8.52 -4.25
C ASP A 186 8.58 8.15 -4.13
N LEU A 187 9.43 9.07 -4.56
CA LEU A 187 10.79 8.76 -4.98
C LEU A 187 11.86 9.60 -4.31
N VAL A 188 12.92 8.98 -3.84
CA VAL A 188 14.11 9.71 -3.44
C VAL A 188 15.28 9.21 -4.25
N GLU A 189 15.65 10.02 -5.24
CA GLU A 189 16.80 9.74 -6.08
C GLU A 189 18.02 10.21 -5.29
N ALA A 190 18.43 9.35 -4.37
CA ALA A 190 19.56 9.59 -3.45
C ALA A 190 20.85 10.04 -4.14
N HIS A 191 21.17 9.40 -5.26
CA HIS A 191 22.37 9.73 -6.01
C HIS A 191 22.12 10.52 -7.30
N GLY A 192 20.93 11.07 -7.45
CA GLY A 192 20.64 11.99 -8.56
C GLY A 192 20.25 11.34 -9.88
N THR A 193 20.19 12.18 -10.91
CA THR A 193 19.63 11.79 -12.20
C THR A 193 20.61 12.10 -13.31
N PHE A 194 20.41 11.47 -14.46
CA PHE A 194 21.01 12.02 -15.69
C PHE A 194 20.16 13.07 -16.37
N TYR A 195 18.88 13.16 -16.03
CA TYR A 195 17.96 13.98 -16.80
C TYR A 195 18.54 15.37 -17.05
N THR A 196 19.02 15.99 -15.98
CA THR A 196 19.63 17.33 -16.03
C THR A 196 21.16 17.32 -15.89
N SER A 197 21.77 18.43 -16.29
CA SER A 197 23.22 18.64 -16.17
C SER A 197 23.53 20.13 -16.07
N HIS A 198 24.56 20.48 -15.31
CA HIS A 198 24.96 21.88 -15.08
C HIS A 198 26.45 22.16 -15.28
N CYS A 199 26.74 23.37 -15.78
CA CYS A 199 28.06 24.01 -15.70
C CYS A 199 28.61 23.81 -14.28
N VAL A 200 29.77 23.17 -14.17
CA VAL A 200 30.43 22.95 -12.86
C VAL A 200 30.79 24.28 -12.20
N SER A 201 31.17 25.27 -13.02
CA SER A 201 31.41 26.63 -12.55
C SER A 201 30.16 27.14 -11.84
N ALA A 202 30.29 27.42 -10.55
CA ALA A 202 29.18 27.90 -9.76
C ALA A 202 29.11 29.41 -9.98
N SER A 203 28.51 29.80 -11.09
CA SER A 203 28.47 31.21 -11.48
C SER A 203 27.31 31.93 -10.80
N TYR A 208 21.48 22.32 -18.77
CA TYR A 208 21.57 21.54 -20.02
C TYR A 208 20.73 20.26 -19.93
N PRO A 209 19.99 19.90 -21.01
CA PRO A 209 19.15 18.70 -21.16
C PRO A 209 19.89 17.47 -21.64
N LEU A 210 19.18 16.34 -21.61
CA LEU A 210 19.77 15.01 -21.77
C LEU A 210 20.55 14.86 -23.06
N SER A 211 19.92 15.09 -24.20
CA SER A 211 20.59 15.71 -25.33
C SER A 211 19.85 17.02 -25.34
N TRP A 212 20.50 18.15 -25.08
CA TRP A 212 21.94 18.46 -25.24
C TRP A 212 23.03 17.41 -24.91
N MET A 213 23.18 17.02 -23.64
CA MET A 213 24.36 16.25 -23.24
C MET A 213 24.61 14.92 -23.96
N LYS A 214 23.61 14.06 -24.00
CA LYS A 214 23.66 12.79 -24.75
C LYS A 214 24.41 12.93 -26.07
N GLU A 215 24.10 13.96 -26.84
CA GLU A 215 24.79 14.18 -28.11
C GLU A 215 26.28 14.42 -27.87
N LYS A 216 26.61 15.26 -26.89
CA LYS A 216 28.01 15.54 -26.54
C LYS A 216 28.77 14.27 -26.12
N ILE A 217 28.07 13.38 -25.41
CA ILE A 217 28.67 12.12 -24.96
C ILE A 217 28.95 11.19 -26.15
N PHE A 218 28.01 11.08 -27.09
CA PHE A 218 28.17 10.23 -28.28
C PHE A 218 29.10 10.81 -29.33
N SER A 219 29.32 12.12 -29.28
CA SER A 219 30.34 12.78 -30.09
C SER A 219 31.75 12.61 -29.54
N GLU A 220 31.87 11.92 -28.40
CA GLU A 220 33.15 11.73 -27.68
C GLU A 220 33.93 13.04 -27.47
N VAL A 221 33.21 14.10 -27.17
CA VAL A 221 33.83 15.37 -26.76
C VAL A 221 33.25 15.70 -25.38
N THR A 222 34.06 16.27 -24.50
CA THR A 222 33.61 16.50 -23.13
C THR A 222 32.70 17.73 -23.08
N PRO A 223 31.61 17.67 -22.28
CA PRO A 223 30.70 18.78 -22.03
C PRO A 223 31.31 20.06 -21.48
N LYS A 224 31.16 21.15 -22.25
CA LYS A 224 31.62 22.48 -21.86
C LYS A 224 30.52 23.54 -21.99
N CYS A 225 30.49 24.43 -21.00
CA CYS A 225 29.47 25.47 -20.80
C CYS A 225 29.46 26.48 -21.96
N GLU A 226 28.27 26.86 -22.43
CA GLU A 226 28.14 27.86 -23.51
C GLU A 226 28.73 29.19 -23.10
N ASP A 227 28.24 29.68 -21.97
CA ASP A 227 28.66 30.95 -21.45
C ASP A 227 30.12 30.83 -21.01
N CYS A 228 30.36 29.91 -20.07
CA CYS A 228 31.59 29.87 -19.25
C CYS A 228 32.77 29.13 -19.87
N GLN A 229 32.47 28.09 -20.65
CA GLN A 229 33.45 27.09 -21.11
C GLN A 229 34.08 26.24 -20.01
N SER A 230 33.44 26.19 -18.84
CA SER A 230 33.81 25.24 -17.78
C SER A 230 33.09 23.91 -18.01
N LEU A 231 33.63 22.87 -17.37
CA LEU A 231 33.08 21.51 -17.40
C LEU A 231 31.59 21.49 -17.03
N VAL A 232 30.82 20.67 -17.74
CA VAL A 232 29.41 20.42 -17.40
C VAL A 232 29.34 18.97 -16.99
N LYS A 233 28.79 18.71 -15.81
CA LYS A 233 28.57 17.35 -15.39
C LYS A 233 27.09 17.07 -15.24
N PRO A 234 26.69 15.81 -15.41
CA PRO A 234 25.30 15.47 -15.15
C PRO A 234 25.01 15.58 -13.67
N ASP A 235 23.72 15.69 -13.35
CA ASP A 235 23.24 15.97 -12.01
C ASP A 235 23.24 14.70 -11.20
N ILE A 236 24.44 14.15 -11.03
CA ILE A 236 24.64 12.96 -10.24
C ILE A 236 25.36 13.39 -8.98
N VAL A 237 25.09 12.66 -7.91
CA VAL A 237 25.93 12.70 -6.74
C VAL A 237 27.13 11.79 -7.02
N PHE A 238 28.27 12.41 -7.32
CA PHE A 238 29.57 11.73 -7.33
C PHE A 238 30.04 11.40 -5.91
N PHE A 239 30.95 10.44 -5.79
CA PHE A 239 31.54 10.15 -4.46
C PHE A 239 32.28 11.38 -3.97
N GLY A 240 32.20 11.60 -2.67
CA GLY A 240 32.74 12.83 -2.10
C GLY A 240 31.80 14.02 -2.23
N GLU A 241 30.71 13.89 -2.97
CA GLU A 241 29.67 14.91 -2.94
C GLU A 241 28.61 14.59 -1.91
N SER A 242 27.99 15.62 -1.39
CA SER A 242 26.90 15.42 -0.45
C SER A 242 25.61 15.06 -1.20
N LEU A 243 24.84 14.20 -0.55
CA LEU A 243 23.57 13.77 -1.10
C LEU A 243 22.55 14.89 -1.00
N PRO A 244 21.52 14.83 -1.83
CA PRO A 244 20.62 15.97 -1.91
C PRO A 244 19.81 16.14 -0.65
N ALA A 245 19.31 17.35 -0.44
CA ALA A 245 18.62 17.68 0.79
C ALA A 245 17.48 16.73 1.06
N ARG A 246 16.63 16.58 0.03
CA ARG A 246 15.41 15.78 0.08
C ARG A 246 15.64 14.48 0.81
N PHE A 247 16.80 13.86 0.55
CA PHE A 247 17.16 12.58 1.13
C PHE A 247 17.09 12.57 2.64
N PHE A 248 17.57 13.63 3.28
CA PHE A 248 17.67 13.63 4.73
C PHE A 248 16.41 14.05 5.39
N SER A 249 15.73 15.00 4.78
CA SER A 249 14.46 15.42 5.31
C SER A 249 13.49 14.26 5.16
N CYS A 250 13.50 13.61 4.00
CA CYS A 250 12.59 12.50 3.79
C CYS A 250 12.89 11.34 4.77
N MET A 251 14.16 10.94 4.86
CA MET A 251 14.53 9.79 5.71
C MET A 251 14.05 9.94 7.14
N GLN A 252 14.01 11.18 7.60
CA GLN A 252 13.94 11.43 9.03
C GLN A 252 12.50 11.31 9.52
N SER A 253 11.54 11.36 8.60
CA SER A 253 10.13 11.14 8.93
C SER A 253 9.55 9.87 8.27
N ASP A 254 10.03 9.52 7.09
CA ASP A 254 9.62 8.25 6.52
C ASP A 254 9.87 7.17 7.55
N PHE A 255 11.09 7.13 8.05
CA PHE A 255 11.53 6.01 8.87
C PHE A 255 10.97 6.02 10.27
N LEU A 256 10.18 7.03 10.61
CA LEU A 256 9.36 6.95 11.81
C LEU A 256 8.01 6.25 11.53
N LYS A 257 7.57 6.29 10.27
CA LYS A 257 6.28 5.72 9.82
C LYS A 257 6.30 4.30 9.25
N VAL A 258 7.48 3.85 8.82
CA VAL A 258 7.56 2.62 8.04
C VAL A 258 7.19 1.34 8.79
N ASP A 259 6.35 0.56 8.12
CA ASP A 259 5.88 -0.75 8.58
C ASP A 259 6.67 -1.93 7.99
N LEU A 260 7.26 -1.72 6.81
CA LEU A 260 8.11 -2.77 6.19
C LEU A 260 9.24 -2.16 5.43
N LEU A 261 10.35 -2.89 5.33
CA LEU A 261 11.46 -2.51 4.44
C LEU A 261 11.71 -3.55 3.37
N LEU A 262 11.47 -3.17 2.11
CA LEU A 262 11.97 -3.96 1.01
C LEU A 262 13.31 -3.42 0.61
N VAL A 263 14.33 -4.25 0.73
CA VAL A 263 15.65 -3.93 0.22
C VAL A 263 15.92 -4.86 -0.96
N MET A 264 15.98 -4.28 -2.16
CA MET A 264 16.14 -5.09 -3.37
C MET A 264 17.37 -4.71 -4.21
N GLY A 265 18.10 -5.73 -4.66
CA GLY A 265 19.18 -5.54 -5.61
C GLY A 265 20.28 -4.60 -5.16
N THR A 266 20.72 -4.77 -3.90
CA THR A 266 21.83 -3.99 -3.37
C THR A 266 22.72 -4.67 -2.33
N SER A 267 24.01 -4.30 -2.38
CA SER A 267 25.05 -4.86 -1.53
C SER A 267 25.32 -4.05 -0.26
N LEU A 268 24.69 -2.89 -0.19
CA LEU A 268 24.84 -2.00 0.96
C LEU A 268 26.32 -1.63 1.25
N GLN A 269 27.05 -1.24 0.21
CA GLN A 269 28.44 -0.82 0.35
C GLN A 269 28.59 0.69 0.15
N VAL A 270 27.49 1.42 0.02
CA VAL A 270 27.55 2.86 -0.16
C VAL A 270 26.84 3.56 0.99
N GLN A 271 27.42 4.65 1.47
CA GLN A 271 26.91 5.40 2.64
C GLN A 271 26.63 6.83 2.20
N PRO A 272 25.73 7.54 2.88
CA PRO A 272 24.95 7.04 4.02
C PRO A 272 23.74 6.20 3.60
N PHE A 273 23.62 5.92 2.30
CA PHE A 273 22.49 5.18 1.82
C PHE A 273 22.24 3.90 2.59
N ALA A 274 23.26 3.15 2.88
CA ALA A 274 23.04 1.79 3.36
C ALA A 274 22.77 1.78 4.86
N SER A 275 23.10 2.90 5.48
CA SER A 275 22.78 3.11 6.88
C SER A 275 21.31 3.38 7.12
N LEU A 276 20.55 3.57 6.02
CA LEU A 276 19.08 3.65 6.11
C LEU A 276 18.39 2.42 6.72
N ILE A 277 18.99 1.24 6.59
CA ILE A 277 18.36 0.04 7.18
C ILE A 277 18.36 0.07 8.70
N SER A 278 19.19 0.92 9.30
CA SER A 278 19.23 0.98 10.74
C SER A 278 18.38 2.11 11.30
N LYS A 279 17.92 3.03 10.44
CA LYS A 279 16.92 4.01 10.89
C LYS A 279 15.58 3.32 11.18
N ALA A 280 15.28 2.24 10.48
CA ALA A 280 14.01 1.46 10.68
C ALA A 280 13.70 1.11 12.13
N PRO A 281 12.44 1.23 12.55
CA PRO A 281 12.11 0.78 13.89
C PRO A 281 12.49 -0.66 14.17
N LEU A 282 12.89 -0.92 15.40
CA LEU A 282 13.18 -2.25 15.89
C LEU A 282 12.10 -3.30 15.49
N SER A 283 10.83 -2.98 15.67
CA SER A 283 9.71 -3.89 15.27
C SER A 283 9.61 -4.14 13.74
N THR A 284 10.03 -3.17 12.93
CA THR A 284 9.79 -3.15 11.48
C THR A 284 10.55 -4.26 10.78
N PRO A 285 9.84 -5.26 10.24
CA PRO A 285 10.53 -6.30 9.47
C PRO A 285 11.23 -5.74 8.24
N ARG A 286 12.19 -6.47 7.70
CA ARG A 286 12.98 -6.04 6.54
C ARG A 286 13.26 -7.26 5.67
N LEU A 287 12.90 -7.17 4.38
CA LEU A 287 13.16 -8.26 3.44
C LEU A 287 14.26 -7.88 2.46
N LEU A 288 15.29 -8.72 2.40
CA LEU A 288 16.29 -8.53 1.37
C LEU A 288 16.01 -9.48 0.21
N ILE A 289 15.82 -8.88 -0.97
CA ILE A 289 15.82 -9.62 -2.23
C ILE A 289 17.10 -9.24 -2.93
N ASN A 290 18.09 -10.10 -2.78
CA ASN A 290 19.35 -9.83 -3.38
C ASN A 290 19.97 -11.14 -3.80
N LYS A 291 20.90 -11.05 -4.74
CA LYS A 291 21.62 -12.21 -5.26
C LYS A 291 22.39 -12.87 -4.13
N GLU A 292 22.95 -12.05 -3.27
CA GLU A 292 23.61 -12.55 -2.09
C GLU A 292 23.12 -11.80 -0.87
N LYS A 293 23.43 -12.35 0.30
CA LYS A 293 23.13 -11.71 1.56
C LYS A 293 23.90 -10.41 1.67
N ALA A 294 23.33 -9.43 2.37
CA ALA A 294 24.05 -8.19 2.60
C ALA A 294 23.49 -7.39 3.78
N GLY A 295 24.26 -6.40 4.22
CA GLY A 295 23.94 -5.56 5.37
C GLY A 295 23.87 -6.29 6.71
N GLN A 296 24.59 -7.40 6.84
CA GLN A 296 24.55 -8.14 8.09
C GLN A 296 25.49 -7.51 9.11
N SER A 297 25.32 -7.79 10.39
CA SER A 297 26.08 -7.10 11.43
C SER A 297 27.32 -7.91 11.85
N GLY A 309 22.07 -3.52 14.92
CA GLY A 309 21.54 -2.62 13.89
C GLY A 309 21.54 -3.25 12.52
N GLY A 310 22.68 -3.83 12.13
CA GLY A 310 22.76 -4.59 10.91
C GLY A 310 21.69 -5.64 10.92
N MET A 311 21.48 -6.26 9.77
CA MET A 311 20.46 -7.28 9.68
C MET A 311 20.89 -8.60 10.30
N ASP A 312 19.91 -9.43 10.59
CA ASP A 312 20.14 -10.71 11.22
C ASP A 312 19.17 -11.75 10.67
N PHE A 313 19.61 -12.49 9.67
CA PHE A 313 18.77 -13.52 9.06
C PHE A 313 18.84 -14.88 9.77
N ASP A 314 20.04 -15.31 10.19
CA ASP A 314 20.32 -16.74 10.52
C ASP A 314 20.64 -17.10 11.98
N SER A 315 20.92 -16.12 12.82
CA SER A 315 21.27 -16.38 14.22
C SER A 315 20.03 -16.81 14.96
N LYS A 316 20.22 -17.31 16.17
CA LYS A 316 19.11 -17.83 16.95
C LYS A 316 18.31 -16.68 17.53
N LYS A 317 18.95 -15.52 17.68
CA LYS A 317 18.27 -14.32 18.16
C LYS A 317 17.31 -13.72 17.14
N ALA A 318 17.59 -13.93 15.86
CA ALA A 318 16.88 -13.28 14.74
C ALA A 318 15.37 -13.23 14.93
N TYR A 319 14.78 -12.06 14.70
CA TYR A 319 13.33 -11.88 14.86
C TYR A 319 12.61 -11.28 13.62
N ARG A 320 13.22 -10.28 12.97
CA ARG A 320 12.53 -9.41 12.00
C ARG A 320 12.99 -9.53 10.54
N ASP A 321 14.08 -10.24 10.27
CA ASP A 321 14.76 -10.14 8.95
C ASP A 321 14.67 -11.37 8.07
N VAL A 322 14.42 -11.13 6.80
CA VAL A 322 14.25 -12.20 5.86
C VAL A 322 15.07 -11.94 4.61
N ALA A 323 15.68 -13.01 4.11
CA ALA A 323 16.62 -12.95 3.00
C ALA A 323 16.30 -13.95 1.92
N TRP A 324 15.82 -13.47 0.79
CA TRP A 324 15.50 -14.34 -0.35
C TRP A 324 16.61 -14.18 -1.36
N LEU A 325 17.35 -15.25 -1.68
CA LEU A 325 18.50 -15.14 -2.60
C LEU A 325 18.17 -15.52 -4.03
N GLY A 326 18.43 -14.59 -4.94
CA GLY A 326 18.29 -14.82 -6.37
C GLY A 326 18.23 -13.52 -7.10
N GLU A 327 17.79 -13.57 -8.36
CA GLU A 327 17.55 -12.36 -9.14
C GLU A 327 16.34 -11.62 -8.59
N CYS A 328 16.45 -10.32 -8.64
CA CYS A 328 15.40 -9.46 -8.16
C CYS A 328 14.07 -9.77 -8.83
N ASP A 329 14.10 -9.90 -10.16
CA ASP A 329 12.87 -10.07 -10.96
C ASP A 329 12.15 -11.34 -10.50
N GLN A 330 12.92 -12.39 -10.24
CA GLN A 330 12.36 -13.65 -9.78
C GLN A 330 11.68 -13.51 -8.39
N GLY A 331 12.38 -12.90 -7.44
CA GLY A 331 11.83 -12.64 -6.10
C GLY A 331 10.56 -11.79 -6.06
N CYS A 332 10.53 -10.74 -6.86
CA CYS A 332 9.33 -9.92 -6.96
C CYS A 332 8.14 -10.68 -7.56
N LEU A 333 8.39 -11.58 -8.51
CA LEU A 333 7.32 -12.40 -9.08
C LEU A 333 6.81 -13.37 -8.03
N ALA A 334 7.74 -13.89 -7.24
CA ALA A 334 7.38 -14.84 -6.20
C ALA A 334 6.55 -14.16 -5.13
N LEU A 335 7.07 -13.04 -4.64
CA LEU A 335 6.38 -12.27 -3.63
C LEU A 335 5.03 -11.86 -4.15
N ALA A 336 4.99 -11.42 -5.40
CA ALA A 336 3.73 -11.06 -6.04
C ALA A 336 2.78 -12.24 -6.12
N GLU A 337 3.29 -13.44 -6.44
CA GLU A 337 2.41 -14.60 -6.50
C GLU A 337 1.70 -14.79 -5.17
N LEU A 338 2.45 -14.70 -4.08
CA LEU A 338 1.88 -14.88 -2.74
C LEU A 338 0.87 -13.80 -2.32
N LEU A 339 0.94 -12.63 -2.95
CA LEU A 339 -0.05 -11.58 -2.74
C LEU A 339 -1.19 -11.65 -3.75
N GLY A 340 -1.04 -12.56 -4.72
CA GLY A 340 -1.97 -12.70 -5.83
C GLY A 340 -1.91 -11.54 -6.77
N TRP A 341 -0.69 -11.20 -7.21
CA TRP A 341 -0.45 -10.10 -8.17
C TRP A 341 0.39 -10.51 -9.38
N LYS A 342 0.92 -11.72 -9.38
CA LYS A 342 1.83 -12.12 -10.44
C LYS A 342 1.20 -11.83 -11.78
N LYS A 343 -0.05 -12.23 -11.93
CA LYS A 343 -0.76 -12.07 -13.18
C LYS A 343 -0.83 -10.60 -13.58
N GLU A 344 -1.28 -9.77 -12.66
CA GLU A 344 -1.38 -8.32 -12.90
C GLU A 344 -0.03 -7.68 -13.21
N LEU A 345 0.98 -8.09 -12.46
CA LEU A 345 2.35 -7.62 -12.68
C LEU A 345 2.85 -7.96 -14.10
N GLU A 346 2.77 -9.24 -14.44
CA GLU A 346 3.16 -9.70 -15.78
C GLU A 346 2.41 -8.96 -16.90
N ASP A 347 1.09 -8.82 -16.77
CA ASP A 347 0.32 -8.02 -17.73
C ASP A 347 0.87 -6.62 -17.78
N LEU A 348 1.22 -6.07 -16.62
CA LEU A 348 1.68 -4.69 -16.50
C LEU A 348 3.02 -4.45 -17.19
N VAL A 349 3.98 -5.32 -16.89
CA VAL A 349 5.27 -5.30 -17.59
C VAL A 349 5.06 -5.39 -19.10
N ARG A 350 4.21 -6.31 -19.52
CA ARG A 350 3.96 -6.53 -20.93
C ARG A 350 3.38 -5.27 -21.55
N ARG A 351 2.29 -4.76 -20.99
CA ARG A 351 1.61 -3.61 -21.55
C ARG A 351 2.54 -2.42 -21.65
N GLU A 352 3.31 -2.20 -20.58
CA GLU A 352 4.17 -1.03 -20.50
C GLU A 352 5.35 -1.11 -21.47
N HIS A 353 5.93 -2.30 -21.59
CA HIS A 353 7.02 -2.51 -22.55
C HIS A 353 6.58 -2.38 -24.00
N ALA A 354 5.36 -2.84 -24.27
CA ALA A 354 4.81 -2.75 -25.61
C ALA A 354 4.59 -1.27 -25.95
N SER A 355 3.96 -0.56 -25.03
CA SER A 355 3.80 0.90 -25.09
C SER A 355 5.09 1.66 -25.36
N ILE A 356 6.12 1.35 -24.60
CA ILE A 356 7.42 1.99 -24.76
C ILE A 356 7.92 1.78 -26.20
N ASP A 357 7.91 0.54 -26.67
CA ASP A 357 8.37 0.26 -28.03
C ASP A 357 7.69 1.19 -29.03
N ALA A 358 6.36 1.30 -28.93
CA ALA A 358 5.58 2.15 -29.83
C ALA A 358 6.25 3.50 -30.08
N GLN A 359 6.55 4.23 -29.01
CA GLN A 359 7.27 5.50 -29.12
C GLN A 359 8.73 5.33 -29.59
N SER A 360 9.26 4.12 -29.50
CA SER A 360 10.50 3.68 -30.20
C SER A 360 11.72 4.57 -29.98
N GLU B 60 -26.74 -12.81 -18.94
CA GLU B 60 -25.41 -13.02 -19.61
C GLU B 60 -24.31 -12.36 -18.74
N ARG B 61 -23.40 -11.62 -19.38
CA ARG B 61 -22.25 -11.07 -18.74
C ARG B 61 -22.45 -9.57 -18.65
N LEU B 62 -22.75 -9.05 -17.47
CA LEU B 62 -22.95 -7.61 -17.33
C LEU B 62 -21.66 -6.82 -17.33
N LEU B 63 -20.55 -7.49 -17.10
CA LEU B 63 -19.25 -6.84 -17.13
C LEU B 63 -18.50 -7.10 -18.42
N ASP B 64 -18.22 -6.03 -19.17
CA ASP B 64 -17.44 -6.13 -20.39
C ASP B 64 -15.98 -6.55 -20.11
N GLU B 65 -15.52 -6.41 -18.88
CA GLU B 65 -14.16 -6.81 -18.49
C GLU B 65 -14.05 -7.07 -16.98
N LEU B 66 -13.31 -8.11 -16.59
CA LEU B 66 -13.18 -8.43 -15.17
C LEU B 66 -12.08 -7.61 -14.54
N THR B 67 -12.31 -6.30 -14.51
CA THR B 67 -11.33 -5.35 -13.99
C THR B 67 -12.08 -4.23 -13.31
N LEU B 68 -11.34 -3.42 -12.55
CA LEU B 68 -11.93 -2.25 -11.92
C LEU B 68 -12.41 -1.25 -13.00
N GLU B 69 -11.72 -1.23 -14.12
CA GLU B 69 -12.13 -0.43 -15.25
C GLU B 69 -13.47 -0.91 -15.80
N GLY B 70 -13.66 -2.22 -15.89
CA GLY B 70 -14.94 -2.80 -16.33
C GLY B 70 -16.11 -2.53 -15.40
N VAL B 71 -15.81 -2.44 -14.10
CA VAL B 71 -16.81 -2.18 -13.08
C VAL B 71 -17.26 -0.73 -13.08
N ALA B 72 -16.32 0.18 -13.28
CA ALA B 72 -16.64 1.61 -13.36
C ALA B 72 -17.53 1.85 -14.57
N ARG B 73 -17.17 1.17 -15.64
CA ARG B 73 -17.90 1.32 -16.87
C ARG B 73 -19.36 0.90 -16.64
N TYR B 74 -19.53 -0.29 -16.09
CA TYR B 74 -20.83 -0.81 -15.68
C TYR B 74 -21.59 0.15 -14.72
N MET B 75 -20.88 0.69 -13.75
CA MET B 75 -21.47 1.65 -12.80
C MET B 75 -22.09 2.85 -13.53
N GLN B 76 -21.46 3.29 -14.62
CA GLN B 76 -21.99 4.33 -15.50
C GLN B 76 -23.20 3.92 -16.31
N SER B 77 -23.23 2.69 -16.81
CA SER B 77 -24.36 2.21 -17.60
C SER B 77 -25.70 2.44 -16.89
N GLU B 78 -26.79 2.40 -17.66
CA GLU B 78 -28.13 2.53 -17.11
C GLU B 78 -28.49 1.39 -16.16
N ARG B 79 -28.05 0.18 -16.52
CA ARG B 79 -28.38 -1.04 -15.77
C ARG B 79 -28.02 -0.96 -14.28
N CYS B 80 -26.97 -0.20 -13.95
CA CYS B 80 -26.52 -0.09 -12.57
C CYS B 80 -27.22 1.05 -11.85
N ARG B 81 -28.35 0.73 -11.22
CA ARG B 81 -29.10 1.69 -10.41
C ARG B 81 -28.87 1.53 -8.91
N ARG B 82 -28.73 0.28 -8.49
CA ARG B 82 -28.79 -0.07 -7.08
C ARG B 82 -27.55 -0.81 -6.61
N VAL B 83 -26.77 -0.17 -5.75
CA VAL B 83 -25.51 -0.69 -5.27
C VAL B 83 -25.64 -1.03 -3.81
N ILE B 84 -25.18 -2.21 -3.43
CA ILE B 84 -25.07 -2.59 -2.02
C ILE B 84 -23.61 -2.71 -1.61
N CYS B 85 -23.29 -2.12 -0.46
CA CYS B 85 -21.93 -2.21 0.10
C CYS B 85 -21.93 -3.15 1.28
N LEU B 86 -21.01 -4.11 1.24
CA LEU B 86 -20.74 -4.96 2.39
C LEU B 86 -19.37 -4.57 2.93
N VAL B 87 -19.34 -4.08 4.16
CA VAL B 87 -18.09 -3.53 4.67
C VAL B 87 -17.67 -4.17 6.00
N GLY B 88 -16.35 -4.23 6.17
CA GLY B 88 -15.73 -4.71 7.40
C GLY B 88 -14.64 -3.76 7.87
N ALA B 89 -13.82 -4.25 8.80
CA ALA B 89 -12.85 -3.42 9.55
C ALA B 89 -11.82 -2.74 8.64
N GLY B 90 -11.42 -3.42 7.59
CA GLY B 90 -10.50 -2.84 6.62
C GLY B 90 -10.78 -1.42 6.13
N ILE B 91 -12.01 -0.94 6.29
CA ILE B 91 -12.34 0.45 5.93
C ILE B 91 -12.17 1.51 7.01
N SER B 92 -11.97 1.09 8.26
CA SER B 92 -11.76 2.01 9.37
C SER B 92 -10.36 1.98 9.94
N THR B 93 -9.48 1.16 9.38
CA THR B 93 -8.15 1.01 10.00
C THR B 93 -7.29 2.27 9.78
N SER B 94 -7.50 2.95 8.66
CA SER B 94 -6.93 4.28 8.42
C SER B 94 -7.41 5.37 9.36
N ALA B 95 -8.51 5.12 10.04
CA ALA B 95 -8.98 6.02 11.10
C ALA B 95 -8.39 5.71 12.48
N GLY B 96 -7.57 4.67 12.57
CA GLY B 96 -6.96 4.27 13.84
C GLY B 96 -7.91 3.45 14.69
N ILE B 97 -8.37 2.35 14.14
CA ILE B 97 -9.18 1.43 14.90
C ILE B 97 -8.52 0.09 14.73
N PRO B 98 -8.18 -0.57 15.85
CA PRO B 98 -7.63 -1.92 15.71
C PRO B 98 -8.77 -2.89 15.40
N ASP B 99 -8.47 -3.88 14.55
CA ASP B 99 -9.45 -4.87 14.10
C ASP B 99 -9.93 -5.79 15.25
N PHE B 100 -11.19 -5.61 15.61
CA PHE B 100 -11.84 -6.35 16.71
C PHE B 100 -11.94 -7.86 16.53
N ARG B 101 -12.01 -8.29 15.27
CA ARG B 101 -12.28 -9.69 14.94
C ARG B 101 -11.02 -10.51 14.66
N SER B 102 -9.89 -9.82 14.43
CA SER B 102 -8.61 -10.48 14.12
C SER B 102 -7.45 -9.71 14.74
N PRO B 103 -6.59 -10.39 15.55
CA PRO B 103 -5.27 -9.86 15.90
C PRO B 103 -4.13 -10.74 15.37
N PRO B 117 -8.71 -14.92 29.30
CA PRO B 117 -8.31 -15.99 28.39
C PRO B 117 -8.13 -15.47 26.95
N TYR B 118 -8.36 -16.33 25.96
CA TYR B 118 -8.25 -15.98 24.54
C TYR B 118 -8.93 -14.67 24.15
N PRO B 119 -8.39 -13.97 23.14
CA PRO B 119 -8.91 -12.62 22.87
C PRO B 119 -10.35 -12.57 22.38
N GLU B 120 -10.72 -13.46 21.46
CA GLU B 120 -12.04 -13.39 20.87
C GLU B 120 -13.13 -13.41 21.93
N ALA B 121 -12.76 -13.86 23.12
CA ALA B 121 -13.65 -14.01 24.25
C ALA B 121 -14.21 -12.73 24.82
N ILE B 122 -13.45 -11.65 24.74
CA ILE B 122 -13.94 -10.38 25.25
C ILE B 122 -15.17 -9.88 24.49
N PHE B 123 -15.39 -10.43 23.29
CA PHE B 123 -16.61 -10.21 22.52
C PHE B 123 -17.55 -11.41 22.50
N GLU B 124 -17.27 -12.40 23.35
CA GLU B 124 -18.17 -13.55 23.55
C GLU B 124 -19.24 -13.15 24.56
N ILE B 125 -20.46 -13.61 24.33
CA ILE B 125 -21.63 -13.19 25.13
C ILE B 125 -21.64 -13.74 26.57
N SER B 126 -21.51 -15.05 26.72
CA SER B 126 -21.53 -15.72 28.02
C SER B 126 -20.45 -15.16 28.92
N TYR B 127 -19.27 -14.98 28.35
CA TYR B 127 -18.13 -14.46 29.08
C TYR B 127 -18.42 -13.06 29.59
N PHE B 128 -18.78 -12.16 28.69
CA PHE B 128 -19.03 -10.77 29.08
C PHE B 128 -20.12 -10.62 30.14
N LYS B 129 -21.01 -11.59 30.21
CA LYS B 129 -21.96 -11.61 31.32
C LYS B 129 -21.30 -11.98 32.66
N LYS B 130 -20.48 -13.03 32.69
CA LYS B 130 -19.77 -13.45 33.92
C LYS B 130 -18.68 -12.45 34.29
N HIS B 131 -17.84 -12.14 33.31
CA HIS B 131 -16.69 -11.26 33.50
C HIS B 131 -16.79 -10.07 32.51
N PRO B 132 -17.74 -9.14 32.74
CA PRO B 132 -18.03 -7.94 31.93
C PRO B 132 -16.99 -6.84 31.98
N GLU B 133 -16.20 -6.85 33.03
CA GLU B 133 -15.27 -5.78 33.29
C GLU B 133 -14.36 -5.54 32.09
N PRO B 134 -13.63 -6.56 31.65
CA PRO B 134 -12.62 -6.37 30.61
C PRO B 134 -13.16 -5.68 29.39
N PHE B 135 -14.35 -6.08 28.98
CA PHE B 135 -14.96 -5.47 27.82
C PHE B 135 -15.13 -3.98 28.05
N PHE B 136 -15.80 -3.61 29.13
CA PHE B 136 -16.02 -2.20 29.43
C PHE B 136 -14.70 -1.46 29.55
N ALA B 137 -13.83 -2.00 30.40
CA ALA B 137 -12.43 -1.63 30.36
C ALA B 137 -11.96 -1.61 28.91
N LEU B 138 -11.83 -0.41 28.38
CA LEU B 138 -11.28 -0.20 27.06
C LEU B 138 -10.81 1.26 27.04
N ALA B 139 -9.98 1.62 26.07
CA ALA B 139 -9.49 3.00 25.98
C ALA B 139 -10.56 4.09 26.30
N LYS B 140 -11.85 3.93 25.98
CA LYS B 140 -12.43 2.90 25.11
C LYS B 140 -11.63 2.86 23.81
N GLU B 141 -11.22 1.68 23.34
CA GLU B 141 -10.41 1.59 22.11
C GLU B 141 -11.02 2.48 21.01
N LEU B 142 -12.35 2.61 21.02
CA LEU B 142 -13.06 3.73 20.39
C LEU B 142 -13.06 4.91 21.38
N TYR B 143 -11.83 5.31 21.75
CA TYR B 143 -11.58 6.29 22.82
C TYR B 143 -12.30 7.60 22.58
N PRO B 144 -12.27 8.13 21.35
CA PRO B 144 -11.45 7.63 20.25
C PRO B 144 -10.02 8.23 20.10
N GLY B 145 -9.71 9.43 20.62
CA GLY B 145 -10.60 10.34 21.36
C GLY B 145 -11.73 10.91 20.51
N GLN B 146 -11.46 11.02 19.23
CA GLN B 146 -12.51 11.08 18.20
C GLN B 146 -12.01 10.21 17.05
N PHE B 147 -12.91 9.43 16.46
CA PHE B 147 -12.60 8.73 15.24
C PHE B 147 -13.23 9.52 14.11
N LYS B 148 -12.50 9.70 13.01
CA LYS B 148 -13.11 10.38 11.89
C LYS B 148 -13.00 9.59 10.59
N PRO B 149 -14.14 9.44 9.89
CA PRO B 149 -14.27 8.54 8.75
C PRO B 149 -13.21 8.69 7.66
N THR B 150 -13.08 7.62 6.89
CA THR B 150 -11.99 7.45 5.95
C THR B 150 -12.54 7.77 4.60
N ILE B 151 -11.67 7.84 3.60
CA ILE B 151 -12.11 8.06 2.23
C ILE B 151 -13.21 7.06 1.87
N CYS B 152 -13.05 5.81 2.29
CA CYS B 152 -14.02 4.77 1.98
C CYS B 152 -15.38 5.14 2.46
N HIS B 153 -15.45 5.56 3.71
CA HIS B 153 -16.71 6.00 4.29
C HIS B 153 -17.32 7.11 3.43
N TYR B 154 -16.51 8.08 3.01
CA TYR B 154 -17.02 9.19 2.20
C TYR B 154 -17.42 8.77 0.78
N PHE B 155 -16.79 7.72 0.28
CA PHE B 155 -17.12 7.20 -1.04
C PHE B 155 -18.55 6.66 -1.06
N MET B 156 -18.91 5.91 -0.02
CA MET B 156 -20.26 5.43 0.12
C MET B 156 -21.22 6.62 0.15
N ARG B 157 -20.87 7.59 1.01
CA ARG B 157 -21.58 8.86 1.05
C ARG B 157 -21.77 9.50 -0.34
N LEU B 158 -20.75 9.49 -1.17
CA LEU B 158 -20.95 9.91 -2.55
C LEU B 158 -22.00 9.04 -3.23
N LEU B 159 -21.89 7.73 -3.14
CA LEU B 159 -22.91 6.83 -3.73
C LEU B 159 -24.34 7.21 -3.32
N LYS B 160 -24.51 7.61 -2.06
CA LYS B 160 -25.81 7.99 -1.52
C LYS B 160 -26.30 9.22 -2.22
N ASP B 161 -25.53 10.30 -2.06
CA ASP B 161 -25.90 11.60 -2.58
C ASP B 161 -26.03 11.58 -4.09
N LYS B 162 -25.44 10.56 -4.72
CA LYS B 162 -25.56 10.36 -6.17
C LYS B 162 -26.61 9.33 -6.55
N GLY B 163 -27.43 8.94 -5.58
CA GLY B 163 -28.60 8.09 -5.77
C GLY B 163 -28.33 6.67 -6.22
N LEU B 164 -27.15 6.16 -5.89
CA LEU B 164 -26.77 4.80 -6.23
C LEU B 164 -26.78 3.88 -5.04
N LEU B 165 -26.83 4.43 -3.84
CA LEU B 165 -26.71 3.58 -2.68
C LEU B 165 -28.04 3.00 -2.27
N LEU B 166 -28.21 1.71 -2.52
CA LEU B 166 -29.35 0.99 -1.99
C LEU B 166 -29.18 0.75 -0.51
N ARG B 167 -28.00 0.27 -0.14
CA ARG B 167 -27.76 -0.08 1.24
C ARG B 167 -26.30 -0.35 1.50
N CYS B 168 -25.93 -0.13 2.76
CA CYS B 168 -24.63 -0.47 3.27
C CYS B 168 -24.79 -1.34 4.49
N TYR B 169 -24.48 -2.61 4.32
CA TYR B 169 -24.47 -3.60 5.40
C TYR B 169 -23.09 -3.56 6.04
N THR B 170 -23.00 -3.26 7.33
CA THR B 170 -21.71 -3.11 7.98
C THR B 170 -21.61 -3.98 9.22
N GLN B 171 -20.39 -4.50 9.40
CA GLN B 171 -19.99 -5.38 10.51
C GLN B 171 -19.26 -4.59 11.57
N ASN B 172 -18.82 -3.39 11.20
CA ASN B 172 -18.09 -2.53 12.10
C ASN B 172 -19.03 -1.86 13.10
N ILE B 173 -18.50 -1.61 14.30
CA ILE B 173 -19.29 -1.02 15.40
C ILE B 173 -18.83 0.39 15.80
N ASP B 174 -18.01 0.99 14.95
CA ASP B 174 -17.49 2.32 15.16
C ASP B 174 -18.51 3.45 14.90
N THR B 175 -19.52 3.20 14.05
CA THR B 175 -20.51 4.24 13.64
C THR B 175 -19.91 5.38 12.78
N LEU B 176 -18.75 5.14 12.17
CA LEU B 176 -18.16 6.09 11.21
C LEU B 176 -19.00 6.22 9.97
N GLU B 177 -19.76 5.19 9.62
CA GLU B 177 -20.73 5.30 8.52
C GLU B 177 -21.70 6.44 8.77
N ARG B 178 -22.24 6.50 9.98
CA ARG B 178 -23.18 7.56 10.36
C ARG B 178 -22.52 8.92 10.37
N ILE B 179 -21.37 9.00 11.01
CA ILE B 179 -20.60 10.24 11.06
C ILE B 179 -20.33 10.79 9.65
N ALA B 180 -20.17 9.90 8.68
CA ALA B 180 -19.88 10.30 7.32
C ALA B 180 -21.13 10.75 6.60
N GLY B 181 -22.27 10.75 7.29
CA GLY B 181 -23.48 11.31 6.72
C GLY B 181 -24.51 10.29 6.29
N LEU B 182 -24.19 9.02 6.38
CA LEU B 182 -25.17 8.00 6.06
C LEU B 182 -26.31 7.98 7.08
N GLU B 183 -27.52 7.82 6.58
CA GLU B 183 -28.73 7.84 7.41
C GLU B 183 -29.10 6.41 7.77
N GLN B 184 -29.83 6.25 8.87
CA GLN B 184 -30.21 4.92 9.35
C GLN B 184 -30.90 4.12 8.26
N GLU B 185 -31.73 4.78 7.47
CA GLU B 185 -32.36 4.13 6.31
C GLU B 185 -31.34 3.44 5.40
N ASP B 186 -30.21 4.10 5.15
CA ASP B 186 -29.24 3.58 4.19
C ASP B 186 -28.37 2.44 4.73
N LEU B 187 -28.65 2.00 5.95
CA LEU B 187 -27.66 1.35 6.77
C LEU B 187 -28.25 0.11 7.39
N VAL B 188 -27.50 -0.98 7.34
CA VAL B 188 -27.77 -2.15 8.18
C VAL B 188 -26.53 -2.41 9.00
N GLU B 189 -26.58 -2.00 10.25
CA GLU B 189 -25.54 -2.31 11.18
C GLU B 189 -25.73 -3.75 11.60
N ALA B 190 -25.01 -4.63 10.91
CA ALA B 190 -25.12 -6.06 11.11
C ALA B 190 -24.76 -6.48 12.54
N HIS B 191 -23.81 -5.81 13.15
CA HIS B 191 -23.42 -6.17 14.48
C HIS B 191 -23.77 -5.09 15.48
N GLY B 192 -24.71 -4.24 15.10
CA GLY B 192 -25.28 -3.26 16.03
C GLY B 192 -24.41 -2.06 16.27
N THR B 193 -24.67 -1.37 17.38
CA THR B 193 -24.07 -0.07 17.65
C THR B 193 -23.85 0.20 19.13
N PHE B 194 -22.81 1.00 19.43
CA PHE B 194 -22.55 1.53 20.79
C PHE B 194 -23.63 2.47 21.31
N TYR B 195 -24.37 3.11 20.40
CA TYR B 195 -25.30 4.15 20.78
C TYR B 195 -26.40 3.65 21.75
N THR B 196 -27.23 2.71 21.32
CA THR B 196 -28.31 2.20 22.19
C THR B 196 -27.76 1.04 23.04
N SER B 197 -28.31 0.87 24.24
CA SER B 197 -27.88 -0.17 25.19
C SER B 197 -29.08 -0.80 25.90
N HIS B 198 -29.02 -2.10 26.18
CA HIS B 198 -30.11 -2.80 26.89
C HIS B 198 -29.62 -3.81 27.89
N CYS B 199 -30.50 -4.19 28.80
CA CYS B 199 -30.12 -5.07 29.89
C CYS B 199 -31.06 -6.25 30.03
N VAL B 200 -30.52 -7.39 30.46
CA VAL B 200 -29.09 -7.68 30.37
C VAL B 200 -29.01 -8.37 29.02
N SER B 201 -29.66 -9.52 28.94
CA SER B 201 -30.09 -10.13 27.67
C SER B 201 -31.62 -10.17 27.66
N ALA B 202 -32.20 -10.34 28.85
CA ALA B 202 -33.60 -10.04 29.12
C ALA B 202 -33.68 -9.37 30.51
N SER B 203 -34.40 -8.27 30.69
CA SER B 203 -35.09 -7.50 29.64
C SER B 203 -35.45 -6.12 30.18
N CYS B 204 -35.02 -5.06 29.49
CA CYS B 204 -35.16 -3.71 30.02
C CYS B 204 -35.23 -2.63 28.95
N ARG B 205 -35.46 -1.41 29.41
CA ARG B 205 -35.53 -0.25 28.54
C ARG B 205 -34.14 0.14 28.03
N HIS B 206 -34.13 1.00 27.02
CA HIS B 206 -32.89 1.51 26.44
C HIS B 206 -32.22 2.45 27.41
N GLU B 207 -30.90 2.54 27.34
CA GLU B 207 -30.12 3.59 27.98
C GLU B 207 -29.32 4.26 26.85
N TYR B 208 -28.76 5.44 27.11
CA TYR B 208 -28.27 6.32 26.03
C TYR B 208 -26.76 6.39 25.81
N PRO B 209 -26.00 6.44 26.89
CA PRO B 209 -24.57 6.76 26.79
C PRO B 209 -23.81 6.37 28.04
N LEU B 210 -22.49 6.28 27.88
CA LEU B 210 -21.56 6.00 28.97
C LEU B 210 -20.54 7.13 29.09
N SER B 211 -20.47 7.87 30.21
CA SER B 211 -21.28 7.67 31.43
C SER B 211 -20.95 6.34 32.11
N TRP B 212 -19.87 5.70 31.67
CA TRP B 212 -19.38 4.43 32.21
C TRP B 212 -17.90 4.60 32.52
N MET B 213 -17.65 5.41 33.54
CA MET B 213 -16.30 5.71 34.03
C MET B 213 -16.09 5.11 35.42
N LYS B 214 -15.40 3.97 35.44
CA LYS B 214 -15.13 3.19 36.66
C LYS B 214 -16.40 2.51 37.19
N GLU B 215 -17.35 2.25 36.30
CA GLU B 215 -18.67 1.81 36.72
C GLU B 215 -19.32 0.91 35.69
N LYS B 216 -19.94 -0.16 36.18
CA LYS B 216 -20.60 -1.14 35.33
C LYS B 216 -22.11 -0.89 35.37
N ILE B 217 -22.81 -1.47 34.40
CA ILE B 217 -24.26 -1.26 34.23
C ILE B 217 -25.20 -1.66 35.41
N PHE B 218 -26.36 -1.03 35.48
CA PHE B 218 -27.28 -1.17 36.64
C PHE B 218 -28.76 -1.53 36.32
N SER B 219 -29.45 -2.03 37.34
CA SER B 219 -30.82 -2.53 37.23
C SER B 219 -31.86 -1.41 37.41
N GLU B 220 -33.13 -1.80 37.63
CA GLU B 220 -34.25 -0.89 37.85
C GLU B 220 -34.69 -0.19 36.57
N VAL B 221 -34.35 -0.79 35.43
CA VAL B 221 -34.83 -0.32 34.12
C VAL B 221 -34.34 1.08 33.75
N VAL B 232 -26.70 -4.10 31.86
CA VAL B 232 -26.85 -3.30 30.64
C VAL B 232 -25.65 -3.43 29.69
N LYS B 233 -25.87 -4.03 28.52
CA LYS B 233 -24.82 -4.09 27.50
C LYS B 233 -25.19 -3.21 26.32
N PRO B 234 -24.20 -2.50 25.76
CA PRO B 234 -24.47 -1.73 24.57
C PRO B 234 -24.93 -2.65 23.44
N ASP B 235 -25.71 -2.13 22.51
CA ASP B 235 -26.37 -2.97 21.51
C ASP B 235 -25.44 -3.35 20.39
N ILE B 236 -24.42 -4.08 20.76
CA ILE B 236 -23.46 -4.57 19.83
C ILE B 236 -23.72 -6.02 19.84
N VAL B 237 -23.86 -6.63 18.66
CA VAL B 237 -24.01 -8.05 18.63
C VAL B 237 -22.64 -8.66 18.98
N PHE B 238 -22.61 -9.29 20.16
CA PHE B 238 -21.46 -10.04 20.61
C PHE B 238 -21.47 -11.36 19.88
N PHE B 239 -20.31 -11.99 19.74
CA PHE B 239 -20.24 -13.40 19.30
C PHE B 239 -21.14 -14.27 20.14
N GLY B 240 -21.99 -15.04 19.48
CA GLY B 240 -22.94 -15.89 20.18
C GLY B 240 -24.31 -15.26 20.37
N GLU B 241 -24.49 -14.04 19.89
CA GLU B 241 -25.79 -13.38 19.93
C GLU B 241 -26.44 -13.33 18.56
N SER B 242 -27.77 -13.34 18.55
CA SER B 242 -28.53 -13.18 17.32
C SER B 242 -28.32 -11.78 16.70
N LEU B 243 -28.20 -11.73 15.38
CA LEU B 243 -28.17 -10.44 14.70
C LEU B 243 -29.55 -9.79 14.83
N PRO B 244 -29.65 -8.49 14.54
CA PRO B 244 -30.97 -7.86 14.53
C PRO B 244 -31.85 -8.39 13.43
N ALA B 245 -33.16 -8.39 13.67
CA ALA B 245 -34.13 -8.71 12.64
C ALA B 245 -34.12 -7.71 11.47
N ARG B 246 -33.67 -6.49 11.70
CA ARG B 246 -33.55 -5.54 10.59
C ARG B 246 -32.65 -6.11 9.46
N PHE B 247 -31.62 -6.84 9.89
CA PHE B 247 -30.70 -7.55 8.99
C PHE B 247 -31.34 -8.55 8.08
N PHE B 248 -32.33 -9.31 8.56
CA PHE B 248 -32.91 -10.37 7.73
C PHE B 248 -33.98 -9.82 6.79
N SER B 249 -34.86 -8.96 7.32
CA SER B 249 -35.93 -8.37 6.50
C SER B 249 -35.41 -7.45 5.44
N CYS B 250 -34.28 -6.78 5.70
CA CYS B 250 -33.66 -5.94 4.66
C CYS B 250 -33.04 -6.76 3.57
N MET B 251 -32.41 -7.89 3.93
CA MET B 251 -31.71 -8.69 2.94
C MET B 251 -32.71 -9.33 1.98
N GLN B 252 -33.84 -9.70 2.54
CA GLN B 252 -35.03 -10.21 1.82
C GLN B 252 -35.51 -9.29 0.67
N SER B 253 -35.36 -7.99 0.87
CA SER B 253 -35.78 -6.99 -0.10
C SER B 253 -34.64 -6.52 -0.94
N ASP B 254 -33.57 -6.13 -0.26
CA ASP B 254 -32.45 -5.47 -0.90
C ASP B 254 -31.91 -6.29 -2.05
N PHE B 255 -31.76 -7.59 -1.80
CA PHE B 255 -31.14 -8.48 -2.77
C PHE B 255 -32.03 -8.90 -3.95
N LEU B 256 -33.30 -8.53 -3.95
CA LEU B 256 -34.15 -8.70 -5.12
C LEU B 256 -33.88 -7.67 -6.22
N LYS B 257 -33.30 -6.53 -5.84
CA LYS B 257 -33.16 -5.38 -6.72
C LYS B 257 -31.72 -5.03 -7.05
N VAL B 258 -30.80 -5.63 -6.31
CA VAL B 258 -29.40 -5.23 -6.33
C VAL B 258 -28.76 -5.41 -7.71
N ASP B 259 -28.09 -4.37 -8.18
CA ASP B 259 -27.42 -4.41 -9.48
C ASP B 259 -25.90 -4.47 -9.35
N LEU B 260 -25.40 -4.21 -8.15
CA LEU B 260 -23.97 -4.30 -7.89
C LEU B 260 -23.73 -4.44 -6.39
N LEU B 261 -22.80 -5.34 -6.04
CA LEU B 261 -22.26 -5.49 -4.68
C LEU B 261 -20.85 -4.97 -4.64
N LEU B 262 -20.60 -4.01 -3.77
CA LEU B 262 -19.24 -3.59 -3.44
C LEU B 262 -18.88 -4.16 -2.10
N VAL B 263 -17.88 -5.05 -2.11
CA VAL B 263 -17.39 -5.66 -0.87
C VAL B 263 -16.04 -5.07 -0.50
N MET B 264 -15.98 -4.42 0.67
CA MET B 264 -14.83 -3.59 1.05
C MET B 264 -14.30 -3.81 2.46
N GLY B 265 -12.98 -3.85 2.58
CA GLY B 265 -12.32 -4.00 3.86
C GLY B 265 -12.86 -5.11 4.74
N THR B 266 -13.22 -6.24 4.14
CA THR B 266 -13.47 -7.46 4.92
C THR B 266 -13.03 -8.75 4.22
N SER B 267 -12.75 -9.75 5.05
CA SER B 267 -12.46 -11.10 4.60
C SER B 267 -13.60 -12.07 4.96
N LEU B 268 -14.80 -11.54 5.09
CA LEU B 268 -16.00 -12.33 5.20
C LEU B 268 -15.81 -13.56 6.09
N GLN B 269 -15.35 -13.31 7.31
CA GLN B 269 -15.00 -14.39 8.22
C GLN B 269 -16.01 -14.63 9.30
N VAL B 270 -17.09 -13.87 9.31
CA VAL B 270 -18.13 -14.03 10.31
C VAL B 270 -19.48 -14.29 9.65
N GLN B 271 -20.26 -15.17 10.27
CA GLN B 271 -21.61 -15.53 9.79
C GLN B 271 -22.68 -14.97 10.70
N PRO B 272 -23.93 -14.76 10.22
CA PRO B 272 -24.39 -14.99 8.84
C PRO B 272 -24.06 -13.88 7.84
N PHE B 273 -23.38 -12.83 8.27
CA PHE B 273 -23.00 -11.76 7.34
C PHE B 273 -22.37 -12.25 6.03
N ALA B 274 -21.42 -13.16 6.18
CA ALA B 274 -20.64 -13.69 5.08
C ALA B 274 -21.51 -14.30 3.99
N SER B 275 -22.58 -14.95 4.44
CA SER B 275 -23.56 -15.59 3.57
C SER B 275 -24.31 -14.65 2.60
N LEU B 276 -24.22 -13.34 2.85
CA LEU B 276 -24.85 -12.34 1.99
C LEU B 276 -24.41 -12.39 0.55
N ILE B 277 -23.11 -12.57 0.29
CA ILE B 277 -22.69 -12.55 -1.11
C ILE B 277 -23.45 -13.59 -1.89
N SER B 278 -23.80 -14.71 -1.26
CA SER B 278 -24.55 -15.75 -1.96
C SER B 278 -26.02 -15.37 -2.27
N LYS B 279 -26.53 -14.27 -1.75
CA LYS B 279 -27.93 -13.89 -1.94
C LYS B 279 -28.19 -13.00 -3.15
N ALA B 280 -27.17 -12.50 -3.80
CA ALA B 280 -27.34 -11.61 -4.95
C ALA B 280 -27.65 -12.41 -6.23
N PRO B 281 -28.41 -11.81 -7.18
CA PRO B 281 -28.64 -12.51 -8.44
C PRO B 281 -27.33 -12.88 -9.10
N LEU B 282 -27.31 -14.03 -9.77
CA LEU B 282 -26.10 -14.56 -10.37
C LEU B 282 -25.51 -13.66 -11.47
N SER B 283 -26.36 -12.85 -12.10
CA SER B 283 -25.93 -11.75 -12.97
C SER B 283 -25.07 -10.71 -12.26
N THR B 284 -25.42 -10.44 -11.01
CA THR B 284 -24.98 -9.23 -10.37
C THR B 284 -23.49 -9.30 -10.14
N PRO B 285 -22.74 -8.37 -10.77
CA PRO B 285 -21.31 -8.28 -10.53
C PRO B 285 -20.97 -8.03 -9.07
N ARG B 286 -19.78 -8.49 -8.69
CA ARG B 286 -19.26 -8.34 -7.34
C ARG B 286 -17.79 -7.89 -7.42
N LEU B 287 -17.53 -6.71 -6.87
CA LEU B 287 -16.19 -6.18 -6.75
C LEU B 287 -15.78 -6.19 -5.29
N LEU B 288 -14.60 -6.77 -5.02
CA LEU B 288 -14.00 -6.80 -3.70
C LEU B 288 -12.81 -5.85 -3.69
N ILE B 289 -12.78 -4.90 -2.76
CA ILE B 289 -11.61 -4.05 -2.52
C ILE B 289 -11.03 -4.36 -1.14
N ASN B 290 -9.98 -5.16 -1.13
CA ASN B 290 -9.47 -5.66 0.13
C ASN B 290 -8.00 -6.00 -0.10
N LYS B 291 -7.21 -5.99 0.97
CA LYS B 291 -5.79 -6.31 0.82
C LYS B 291 -5.61 -7.77 0.47
N GLU B 292 -6.67 -8.56 0.57
CA GLU B 292 -6.55 -9.95 0.16
C GLU B 292 -7.88 -10.51 -0.32
N LYS B 293 -7.79 -11.53 -1.19
CA LYS B 293 -8.96 -12.23 -1.70
C LYS B 293 -9.72 -12.87 -0.56
N ALA B 294 -11.02 -12.93 -0.73
CA ALA B 294 -11.92 -13.43 0.29
C ALA B 294 -13.27 -13.73 -0.35
N GLY B 295 -13.98 -14.72 0.21
CA GLY B 295 -15.31 -15.09 -0.29
C GLY B 295 -15.38 -16.24 -1.28
N GLN B 296 -14.25 -16.79 -1.67
CA GLN B 296 -14.22 -17.98 -2.55
C GLN B 296 -14.73 -19.27 -1.92
N GLY B 309 -21.24 -20.99 -5.21
CA GLY B 309 -22.03 -19.75 -5.08
C GLY B 309 -21.37 -18.56 -4.37
N GLY B 310 -20.32 -18.79 -3.58
CA GLY B 310 -19.43 -17.70 -3.15
C GLY B 310 -18.53 -17.26 -4.30
N MET B 311 -17.53 -16.42 -4.02
CA MET B 311 -16.69 -15.76 -5.05
C MET B 311 -15.85 -16.68 -5.94
N ASP B 312 -15.74 -16.30 -7.21
CA ASP B 312 -14.86 -16.95 -8.20
C ASP B 312 -14.24 -15.89 -9.12
N PHE B 313 -13.02 -15.51 -8.79
CA PHE B 313 -12.28 -14.48 -9.50
C PHE B 313 -11.44 -15.05 -10.62
N ASP B 314 -10.84 -16.22 -10.38
CA ASP B 314 -9.77 -16.76 -11.21
C ASP B 314 -10.09 -18.01 -12.00
N SER B 315 -11.08 -18.80 -11.59
CA SER B 315 -11.40 -19.97 -12.40
C SER B 315 -11.57 -19.54 -13.86
N LYS B 316 -11.39 -20.51 -14.74
CA LYS B 316 -11.62 -20.34 -16.18
C LYS B 316 -13.04 -19.84 -16.46
N LYS B 317 -13.97 -20.20 -15.58
CA LYS B 317 -15.38 -19.84 -15.71
C LYS B 317 -15.79 -18.52 -15.03
N ALA B 318 -14.85 -17.86 -14.34
CA ALA B 318 -15.13 -16.58 -13.69
C ALA B 318 -15.77 -15.63 -14.71
N TYR B 319 -16.88 -15.00 -14.33
CA TYR B 319 -17.63 -14.11 -15.23
C TYR B 319 -18.13 -12.76 -14.63
N ARG B 320 -18.17 -12.65 -13.30
CA ARG B 320 -18.78 -11.47 -12.68
C ARG B 320 -18.03 -10.92 -11.45
N ASP B 321 -16.91 -11.53 -11.10
CA ASP B 321 -16.25 -11.22 -9.84
C ASP B 321 -14.90 -10.60 -10.05
N VAL B 322 -14.64 -9.52 -9.32
CA VAL B 322 -13.43 -8.73 -9.49
C VAL B 322 -12.81 -8.39 -8.15
N ALA B 323 -11.53 -8.72 -8.01
CA ALA B 323 -10.78 -8.49 -6.75
C ALA B 323 -9.72 -7.39 -6.91
N TRP B 324 -9.95 -6.22 -6.32
CA TRP B 324 -8.95 -5.17 -6.35
C TRP B 324 -8.20 -5.22 -5.06
N LEU B 325 -6.95 -5.67 -5.13
CA LEU B 325 -6.19 -6.05 -3.95
C LEU B 325 -5.19 -4.97 -3.52
N GLY B 326 -5.57 -4.23 -2.48
CA GLY B 326 -4.75 -3.15 -1.96
C GLY B 326 -5.44 -2.58 -0.75
N GLU B 327 -5.00 -1.39 -0.36
CA GLU B 327 -5.57 -0.72 0.81
C GLU B 327 -6.92 -0.12 0.39
N CYS B 328 -7.88 -0.22 1.30
CA CYS B 328 -9.26 0.18 0.98
C CYS B 328 -9.42 1.62 0.49
N ASP B 329 -8.58 2.51 1.03
CA ASP B 329 -8.63 3.90 0.68
C ASP B 329 -8.19 4.12 -0.76
N GLN B 330 -7.02 3.61 -1.09
CA GLN B 330 -6.47 3.83 -2.41
C GLN B 330 -7.40 3.26 -3.49
N GLY B 331 -8.04 2.16 -3.18
CA GLY B 331 -8.95 1.51 -4.12
C GLY B 331 -10.23 2.30 -4.35
N CYS B 332 -10.74 2.90 -3.28
CA CYS B 332 -11.92 3.76 -3.37
C CYS B 332 -11.62 5.00 -4.18
N LEU B 333 -10.39 5.50 -4.06
CA LEU B 333 -9.89 6.58 -4.90
C LEU B 333 -9.83 6.14 -6.33
N ALA B 334 -9.23 4.98 -6.52
CA ALA B 334 -9.00 4.46 -7.85
C ALA B 334 -10.30 4.21 -8.56
N LEU B 335 -11.34 3.88 -7.81
CA LEU B 335 -12.63 3.65 -8.44
C LEU B 335 -13.28 4.98 -8.78
N ALA B 336 -13.39 5.84 -7.79
CA ALA B 336 -13.89 7.22 -7.96
C ALA B 336 -13.23 7.92 -9.14
N GLU B 337 -11.90 7.79 -9.25
CA GLU B 337 -11.20 8.41 -10.36
C GLU B 337 -11.79 7.98 -11.70
N LEU B 338 -12.01 6.69 -11.87
CA LEU B 338 -12.59 6.16 -13.10
C LEU B 338 -14.01 6.69 -13.38
N LEU B 339 -14.71 7.05 -12.31
CA LEU B 339 -16.03 7.67 -12.40
C LEU B 339 -15.94 9.21 -12.45
N GLY B 340 -14.75 9.77 -12.28
CA GLY B 340 -14.58 11.21 -12.20
C GLY B 340 -15.19 11.84 -10.96
N TRP B 341 -14.99 11.21 -9.80
CA TRP B 341 -15.45 11.76 -8.52
C TRP B 341 -14.30 11.99 -7.56
N LYS B 342 -13.07 11.97 -8.08
CA LYS B 342 -11.90 11.95 -7.22
C LYS B 342 -11.70 13.26 -6.47
N LYS B 343 -11.59 14.36 -7.21
CA LYS B 343 -11.47 15.69 -6.60
C LYS B 343 -12.64 15.87 -5.64
N GLU B 344 -13.83 15.68 -6.18
CA GLU B 344 -15.05 15.79 -5.41
C GLU B 344 -14.97 15.05 -4.09
N LEU B 345 -14.50 13.81 -4.15
CA LEU B 345 -14.33 12.97 -2.98
C LEU B 345 -13.29 13.51 -2.03
N GLU B 346 -12.18 13.98 -2.57
CA GLU B 346 -11.09 14.50 -1.75
C GLU B 346 -11.43 15.81 -1.12
N ASP B 347 -12.09 16.65 -1.91
CA ASP B 347 -12.68 17.90 -1.41
C ASP B 347 -13.67 17.68 -0.28
N LEU B 348 -14.27 16.50 -0.22
CA LEU B 348 -15.26 16.19 0.81
C LEU B 348 -14.60 15.72 2.08
N VAL B 349 -13.60 14.89 1.91
CA VAL B 349 -12.89 14.36 3.04
C VAL B 349 -12.21 15.52 3.75
N ARG B 350 -11.66 16.43 2.96
CA ARG B 350 -10.94 17.57 3.51
C ARG B 350 -11.93 18.42 4.32
N ARG B 351 -13.09 18.68 3.73
CA ARG B 351 -14.10 19.56 4.31
C ARG B 351 -14.64 19.00 5.61
N GLU B 352 -14.84 17.67 5.64
CA GLU B 352 -15.50 16.99 6.75
C GLU B 352 -14.58 16.67 7.92
N HIS B 353 -13.33 16.39 7.57
CA HIS B 353 -12.27 16.20 8.56
C HIS B 353 -11.99 17.50 9.27
N ALA B 354 -11.70 18.53 8.47
CA ALA B 354 -11.62 19.90 8.95
C ALA B 354 -12.76 20.17 9.91
N SER B 355 -13.99 20.02 9.42
CA SER B 355 -15.17 20.37 10.22
C SER B 355 -15.33 19.55 11.49
N ILE B 356 -14.75 18.35 11.52
CA ILE B 356 -14.73 17.54 12.75
C ILE B 356 -13.73 18.10 13.78
N ASP B 357 -12.63 18.68 13.31
CA ASP B 357 -11.68 19.39 14.17
C ASP B 357 -12.29 20.68 14.75
N ALA B 358 -13.00 21.42 13.92
CA ALA B 358 -13.75 22.60 14.35
C ALA B 358 -14.59 22.32 15.61
N GLN B 359 -15.45 21.31 15.55
CA GLN B 359 -16.26 20.91 16.72
C GLN B 359 -15.39 20.72 17.96
N SER B 360 -14.21 20.13 17.75
CA SER B 360 -13.17 19.92 18.78
C SER B 360 -13.66 19.07 19.94
N GLU C 4 -27.89 -20.94 11.63
CA GLU C 4 -28.12 -20.21 12.92
C GLU C 4 -28.01 -18.69 12.71
N PHE C 5 -28.72 -17.97 13.58
CA PHE C 5 -28.82 -16.52 13.58
C PHE C 5 -27.68 -15.93 14.39
N GLU C 6 -27.02 -16.79 15.17
CA GLU C 6 -25.89 -16.40 16.03
C GLU C 6 -24.69 -15.83 15.27
N LYS C 8 -21.20 -15.74 14.49
CA LYS C 8 -20.17 -16.80 14.59
C LYS C 8 -19.04 -16.58 13.63
N TYR C 9 -17.92 -17.20 13.96
CA TYR C 9 -16.82 -17.35 13.00
C TYR C 9 -17.09 -18.51 12.05
N VAL C 10 -16.75 -18.33 10.78
CA VAL C 10 -16.90 -19.43 9.83
C VAL C 10 -15.71 -20.35 9.93
N GLY D 3 35.18 14.33 6.97
CA GLY D 3 34.06 13.66 6.22
C GLY D 3 32.78 14.01 6.93
N GLU D 4 31.63 13.75 6.29
CA GLU D 4 30.36 14.29 6.83
C GLU D 4 29.14 13.39 6.57
N PHE D 5 28.43 13.66 5.46
CA PHE D 5 27.37 12.79 5.01
C PHE D 5 27.20 13.00 3.50
N GLU D 6 28.00 12.22 2.79
CA GLU D 6 28.16 12.36 1.38
C GLU D 6 28.71 11.03 0.96
N LYS D 8 30.33 7.63 -0.01
CA LYS D 8 31.66 7.19 0.28
C LYS D 8 31.57 5.67 0.18
N TYR D 9 32.45 5.08 -0.60
CA TYR D 9 32.37 3.65 -0.80
C TYR D 9 32.98 2.81 0.36
N VAL D 10 32.66 1.53 0.32
CA VAL D 10 32.76 0.59 1.46
C VAL D 10 33.08 1.27 2.77
#